data_8D10
#
_entry.id   8D10
#
_cell.length_a   115.560
_cell.length_b   65.082
_cell.length_c   74.938
_cell.angle_alpha   90.000
_cell.angle_beta   126.282
_cell.angle_gamma   90.000
#
_symmetry.space_group_name_H-M   'C 1 2 1'
#
loop_
_entity.id
_entity.type
_entity.pdbx_description
1 polymer 'Thiol:disulfide interchange protein DsbA'
2 non-polymer 1-(1-methyl-1H-pyrazol-5-yl)methanamine
3 non-polymer 'COPPER (II) ION'
4 water water
#
_entity_poly.entity_id   1
_entity_poly.type   'polypeptide(L)'
_entity_poly.pdbx_seq_one_letter_code
;AQYEDGKQYTTLEKPVAGAPQVLEFFSFFCPHCYQFEEVLHISDNVKKKLPEGVKMTKYHVNFMGGDLGKDLTQAWAVAM
ALGVEDKVTVPLFEGVQKTQTIRSASDIRDVFINAGIKGEEYDAAWNSFVVKSLVAQQEKAAADVQLRGVPAMFVNGKYQ
LNPQGMDTSNMDVFVQQYADTVKYLSEKK
;
_entity_poly.pdbx_strand_id   A,B
#
loop_
_chem_comp.id
_chem_comp.type
_chem_comp.name
_chem_comp.formula
CU non-polymer 'COPPER (II) ION' 'Cu 2'
Q2I non-polymer 1-(1-methyl-1H-pyrazol-5-yl)methanamine 'C5 H9 N3'
#
# COMPACT_ATOMS: atom_id res chain seq x y z
N ALA A 1 -24.42 19.96 -12.77
CA ALA A 1 -24.58 19.89 -11.32
C ALA A 1 -23.24 19.65 -10.63
N GLN A 2 -23.16 20.00 -9.33
CA GLN A 2 -21.93 19.78 -8.60
C GLN A 2 -21.69 18.29 -8.34
N TYR A 3 -22.74 17.56 -7.95
CA TYR A 3 -22.67 16.11 -7.79
C TYR A 3 -23.49 15.51 -8.92
N GLU A 4 -22.88 14.56 -9.63
CA GLU A 4 -23.47 14.03 -10.86
C GLU A 4 -23.43 12.52 -10.86
N ASP A 5 -24.58 11.91 -11.14
CA ASP A 5 -24.64 10.46 -11.29
C ASP A 5 -23.70 10.08 -12.42
N GLY A 6 -22.77 9.16 -12.16
CA GLY A 6 -21.74 8.80 -13.10
C GLY A 6 -20.39 9.45 -12.86
N LYS A 7 -20.32 10.50 -12.04
CA LYS A 7 -19.03 11.15 -11.78
C LYS A 7 -18.52 10.83 -10.37
N GLN A 8 -19.01 11.52 -9.34
CA GLN A 8 -18.56 11.25 -7.97
C GLN A 8 -19.20 9.99 -7.39
N TYR A 9 -20.24 9.47 -8.03
CA TYR A 9 -20.93 8.27 -7.55
C TYR A 9 -21.64 7.65 -8.74
N THR A 10 -22.03 6.39 -8.58
CA THR A 10 -22.90 5.76 -9.55
C THR A 10 -24.14 5.25 -8.84
N THR A 11 -25.20 5.04 -9.61
CA THR A 11 -26.47 4.59 -9.07
C THR A 11 -26.67 3.14 -9.51
N LEU A 12 -26.93 2.27 -8.53
CA LEU A 12 -27.06 0.86 -8.82
C LEU A 12 -28.27 0.63 -9.71
N GLU A 13 -28.07 -0.12 -10.79
CA GLU A 13 -29.19 -0.46 -11.67
C GLU A 13 -30.22 -1.30 -10.92
N LYS A 14 -29.76 -2.16 -10.00
CA LYS A 14 -30.63 -3.01 -9.19
C LYS A 14 -30.47 -2.58 -7.74
N PRO A 15 -31.25 -1.60 -7.28
CA PRO A 15 -31.11 -1.13 -5.89
C PRO A 15 -31.37 -2.25 -4.90
N VAL A 16 -30.67 -2.18 -3.77
CA VAL A 16 -30.77 -3.16 -2.69
C VAL A 16 -31.56 -2.54 -1.56
N ALA A 17 -32.73 -3.11 -1.26
CA ALA A 17 -33.58 -2.64 -0.18
C ALA A 17 -33.16 -3.24 1.16
N GLY A 18 -33.38 -2.47 2.23
CA GLY A 18 -33.00 -2.93 3.55
C GLY A 18 -31.52 -2.98 3.80
N ALA A 19 -30.73 -2.29 2.97
CA ALA A 19 -29.29 -2.28 3.09
C ALA A 19 -28.86 -1.32 4.21
N PRO A 20 -27.66 -1.51 4.75
CA PRO A 20 -27.14 -0.55 5.75
C PRO A 20 -27.02 0.85 5.17
N GLN A 21 -27.15 1.85 6.06
CA GLN A 21 -27.11 3.25 5.64
C GLN A 21 -25.81 3.59 4.92
N VAL A 22 -24.67 3.28 5.54
CA VAL A 22 -23.35 3.50 4.96
C VAL A 22 -22.60 2.19 5.13
N LEU A 23 -22.23 1.57 4.02
CA LEU A 23 -21.68 0.22 4.00
C LEU A 23 -20.37 0.23 3.25
N GLU A 24 -19.28 -0.10 3.95
CA GLU A 24 -17.95 -0.12 3.35
C GLU A 24 -17.51 -1.57 3.24
N PHE A 25 -16.82 -1.91 2.15
CA PHE A 25 -16.19 -3.21 1.97
C PHE A 25 -14.69 -3.03 1.79
N PHE A 26 -13.91 -3.98 2.35
CA PHE A 26 -12.47 -3.90 2.22
C PHE A 26 -11.89 -5.31 2.27
N SER A 27 -10.60 -5.39 2.02
CA SER A 27 -9.83 -6.61 2.28
C SER A 27 -8.49 -6.23 2.87
N PHE A 28 -8.01 -7.04 3.82
CA PHE A 28 -6.67 -6.77 4.34
C PHE A 28 -5.57 -7.03 3.30
N PHE A 29 -5.91 -7.66 2.17
CA PHE A 29 -4.99 -7.82 1.03
C PHE A 29 -5.00 -6.65 0.06
N CYS A 30 -5.89 -5.69 0.25
CA CYS A 30 -6.16 -4.67 -0.75
C CYS A 30 -5.27 -3.44 -0.51
N PRO A 31 -4.38 -3.08 -1.45
CA PRO A 31 -3.46 -1.96 -1.16
C PRO A 31 -4.18 -0.63 -0.97
N HIS A 32 -5.19 -0.31 -1.77
CA HIS A 32 -5.88 0.96 -1.54
C HIS A 32 -6.65 0.95 -0.23
N CYS A 33 -7.13 -0.22 0.22
CA CYS A 33 -7.78 -0.32 1.52
C CYS A 33 -6.83 0.02 2.65
N TYR A 34 -5.57 -0.43 2.54
CA TYR A 34 -4.54 -0.04 3.49
C TYR A 34 -4.42 1.47 3.56
N GLN A 35 -4.37 2.12 2.40
CA GLN A 35 -4.29 3.58 2.34
C GLN A 35 -5.53 4.22 2.96
N PHE A 36 -6.72 3.70 2.61
CA PHE A 36 -7.96 4.23 3.16
C PHE A 36 -7.98 4.19 4.68
N GLU A 37 -7.38 3.17 5.27
CA GLU A 37 -7.41 3.03 6.73
C GLU A 37 -6.35 3.90 7.41
N GLU A 38 -5.07 3.62 7.17
CA GLU A 38 -4.06 4.28 8.00
C GLU A 38 -3.55 5.61 7.45
N VAL A 39 -3.67 5.85 6.14
CA VAL A 39 -3.19 7.11 5.57
C VAL A 39 -4.30 8.16 5.53
N LEU A 40 -5.47 7.79 4.99
CA LEU A 40 -6.59 8.71 4.77
C LEU A 40 -7.63 8.74 5.89
N HIS A 41 -7.76 7.67 6.67
CA HIS A 41 -8.79 7.58 7.71
C HIS A 41 -10.17 7.93 7.14
N ILE A 42 -10.51 7.27 6.04
CA ILE A 42 -11.78 7.53 5.33
C ILE A 42 -12.96 7.32 6.27
N SER A 43 -13.01 6.19 6.97
CA SER A 43 -14.20 5.88 7.77
C SER A 43 -14.44 6.93 8.85
N ASP A 44 -13.39 7.29 9.58
CA ASP A 44 -13.52 8.29 10.64
C ASP A 44 -13.94 9.64 10.08
N ASN A 45 -13.39 10.02 8.92
CA ASN A 45 -13.74 11.33 8.37
C ASN A 45 -15.15 11.32 7.82
N VAL A 46 -15.61 10.20 7.27
CA VAL A 46 -17.01 10.08 6.87
C VAL A 46 -17.91 10.18 8.10
N LYS A 47 -17.56 9.45 9.16
CA LYS A 47 -18.37 9.45 10.39
C LYS A 47 -18.49 10.85 10.98
N LYS A 48 -17.39 11.61 10.98
CA LYS A 48 -17.43 12.93 11.56
C LYS A 48 -18.34 13.89 10.79
N LYS A 49 -18.67 13.58 9.52
CA LYS A 49 -19.49 14.48 8.74
C LYS A 49 -20.95 14.08 8.69
N LEU A 50 -21.30 12.90 9.20
CA LEU A 50 -22.67 12.41 9.26
C LEU A 50 -23.30 12.69 10.63
N PRO A 51 -24.62 12.78 10.71
CA PRO A 51 -25.27 12.88 12.02
C PRO A 51 -25.11 11.60 12.83
N GLU A 52 -25.47 11.68 14.11
CA GLU A 52 -25.50 10.46 14.93
C GLU A 52 -26.62 9.51 14.50
N GLY A 53 -27.52 9.95 13.59
CA GLY A 53 -28.59 9.08 13.11
C GLY A 53 -28.19 8.11 12.02
N VAL A 54 -27.14 8.40 11.26
CA VAL A 54 -26.69 7.50 10.20
C VAL A 54 -25.62 6.58 10.76
N LYS A 55 -25.83 5.26 10.65
CA LYS A 55 -24.92 4.23 11.16
C LYS A 55 -23.98 3.76 10.06
N MET A 56 -22.79 3.34 10.46
CA MET A 56 -21.77 2.87 9.54
C MET A 56 -21.45 1.40 9.78
N THR A 57 -21.35 0.65 8.69
CA THR A 57 -21.01 -0.77 8.72
C THR A 57 -19.79 -0.99 7.85
N LYS A 58 -18.87 -1.86 8.27
CA LYS A 58 -17.69 -2.17 7.49
C LYS A 58 -17.49 -3.67 7.49
N TYR A 59 -17.45 -4.25 6.28
CA TYR A 59 -17.35 -5.70 6.08
C TYR A 59 -16.12 -6.07 5.24
N HIS A 60 -15.56 -7.24 5.56
CA HIS A 60 -14.43 -7.83 4.82
C HIS A 60 -14.95 -8.70 3.69
N VAL A 61 -14.10 -8.95 2.67
CA VAL A 61 -14.50 -9.75 1.51
C VAL A 61 -13.60 -10.96 1.34
N ASN A 62 -14.14 -11.97 0.63
CA ASN A 62 -13.42 -13.21 0.42
C ASN A 62 -12.55 -13.22 -0.83
N PHE A 63 -12.82 -12.36 -1.83
CA PHE A 63 -12.29 -12.65 -3.16
C PHE A 63 -10.83 -12.25 -3.36
N MET A 64 -10.14 -11.77 -2.32
CA MET A 64 -8.71 -11.48 -2.41
C MET A 64 -7.97 -12.41 -1.43
N GLY A 65 -6.86 -13.01 -1.87
CA GLY A 65 -6.03 -13.73 -0.92
C GLY A 65 -6.40 -15.17 -0.65
N GLY A 66 -7.30 -15.77 -1.44
CA GLY A 66 -7.48 -17.20 -1.34
C GLY A 66 -7.93 -17.66 0.02
N ASP A 67 -7.27 -18.71 0.50
CA ASP A 67 -7.66 -19.32 1.76
C ASP A 67 -7.51 -18.33 2.92
N LEU A 68 -6.41 -17.58 2.95
CA LEU A 68 -6.20 -16.63 4.03
C LEU A 68 -7.20 -15.49 3.97
N GLY A 69 -7.61 -15.11 2.75
CA GLY A 69 -8.63 -14.10 2.61
C GLY A 69 -9.93 -14.50 3.30
N LYS A 70 -10.34 -15.75 3.13
CA LYS A 70 -11.52 -16.26 3.83
C LYS A 70 -11.30 -16.32 5.34
N ASP A 71 -10.10 -16.72 5.78
CA ASP A 71 -9.80 -16.67 7.22
C ASP A 71 -9.93 -15.25 7.76
N LEU A 72 -9.53 -14.24 6.97
CA LEU A 72 -9.60 -12.87 7.44
C LEU A 72 -11.04 -12.39 7.53
N THR A 73 -11.92 -12.89 6.66
CA THR A 73 -13.34 -12.53 6.81
C THR A 73 -13.91 -13.08 8.11
N GLN A 74 -13.53 -14.32 8.48
CA GLN A 74 -13.96 -14.86 9.77
C GLN A 74 -13.30 -14.13 10.93
N ALA A 75 -12.03 -13.75 10.81
CA ALA A 75 -11.40 -12.96 11.87
C ALA A 75 -12.06 -11.59 12.03
N TRP A 76 -12.49 -10.98 10.92
CA TRP A 76 -13.17 -9.71 11.02
C TRP A 76 -14.51 -9.87 11.72
N ALA A 77 -15.21 -10.99 11.48
CA ALA A 77 -16.41 -11.31 12.23
C ALA A 77 -16.11 -11.41 13.73
N VAL A 78 -14.98 -12.04 14.10
CA VAL A 78 -14.58 -12.06 15.51
C VAL A 78 -14.38 -10.63 16.01
N ALA A 79 -13.67 -9.80 15.22
CA ALA A 79 -13.45 -8.42 15.63
C ALA A 79 -14.75 -7.66 15.85
N MET A 80 -15.73 -7.82 14.95
CA MET A 80 -17.03 -7.19 15.18
C MET A 80 -17.74 -7.76 16.41
N ALA A 81 -17.72 -9.08 16.57
CA ALA A 81 -18.44 -9.68 17.69
C ALA A 81 -17.88 -9.19 19.04
N LEU A 82 -16.55 -9.07 19.13
CA LEU A 82 -15.91 -8.63 20.36
C LEU A 82 -15.77 -7.12 20.50
N GLY A 83 -16.06 -6.36 19.44
CA GLY A 83 -15.91 -4.92 19.42
C GLY A 83 -14.47 -4.44 19.50
N VAL A 84 -13.55 -5.15 18.87
CA VAL A 84 -12.14 -4.80 18.95
C VAL A 84 -11.58 -4.38 17.59
N GLU A 85 -12.46 -3.91 16.68
CA GLU A 85 -12.02 -3.46 15.36
C GLU A 85 -10.88 -2.45 15.46
N ASP A 86 -11.02 -1.46 16.35
CA ASP A 86 -10.01 -0.41 16.47
C ASP A 86 -8.68 -0.94 17.01
N LYS A 87 -8.68 -2.10 17.63
CA LYS A 87 -7.45 -2.64 18.16
C LYS A 87 -6.69 -3.51 17.16
N VAL A 88 -7.38 -4.11 16.19
CA VAL A 88 -6.72 -5.09 15.33
C VAL A 88 -6.60 -4.64 13.87
N THR A 89 -7.26 -3.56 13.45
CA THR A 89 -7.24 -3.22 12.03
C THR A 89 -5.83 -2.89 11.55
N VAL A 90 -5.14 -1.96 12.21
CA VAL A 90 -3.78 -1.62 11.79
C VAL A 90 -2.84 -2.81 11.88
N PRO A 91 -2.79 -3.57 12.97
CA PRO A 91 -1.89 -4.75 12.97
C PRO A 91 -2.23 -5.79 11.93
N LEU A 92 -3.50 -5.96 11.55
CA LEU A 92 -3.81 -6.94 10.52
C LEU A 92 -3.34 -6.43 9.15
N PHE A 93 -3.57 -5.16 8.84
CA PHE A 93 -3.03 -4.58 7.61
C PHE A 93 -1.50 -4.70 7.56
N GLU A 94 -0.83 -4.33 8.66
CA GLU A 94 0.63 -4.40 8.67
C GLU A 94 1.10 -5.83 8.51
N GLY A 95 0.45 -6.77 9.21
CA GLY A 95 0.88 -8.15 9.14
C GLY A 95 0.73 -8.75 7.75
N VAL A 96 -0.35 -8.40 7.03
CA VAL A 96 -0.54 -8.92 5.68
C VAL A 96 0.39 -8.23 4.68
N GLN A 97 0.45 -6.89 4.69
CA GLN A 97 1.05 -6.12 3.61
C GLN A 97 2.41 -5.50 3.91
N LYS A 98 2.72 -5.18 5.18
N LYS A 98 2.70 -5.17 5.17
CA LYS A 98 3.97 -4.51 5.48
CA LYS A 98 3.96 -4.51 5.50
C LYS A 98 5.05 -5.49 5.90
C LYS A 98 5.03 -5.52 5.89
N THR A 99 4.81 -6.24 6.99
CA THR A 99 5.77 -7.22 7.42
C THR A 99 5.59 -8.58 6.75
N GLN A 100 4.41 -8.84 6.18
CA GLN A 100 4.11 -10.13 5.55
C GLN A 100 4.37 -11.28 6.52
N THR A 101 4.04 -11.06 7.79
CA THR A 101 4.14 -12.09 8.82
C THR A 101 2.85 -12.87 9.03
N ILE A 102 1.75 -12.48 8.37
CA ILE A 102 0.48 -13.18 8.52
C ILE A 102 0.35 -14.10 7.31
N ARG A 103 0.55 -15.40 7.55
CA ARG A 103 0.49 -16.42 6.52
C ARG A 103 -0.49 -17.53 6.82
N SER A 104 -1.09 -17.56 8.02
CA SER A 104 -1.95 -18.65 8.46
C SER A 104 -2.98 -18.12 9.44
N ALA A 105 -4.00 -18.97 9.70
CA ALA A 105 -5.00 -18.61 10.69
C ALA A 105 -4.37 -18.38 12.07
N SER A 106 -3.34 -19.15 12.40
CA SER A 106 -2.68 -18.94 13.70
C SER A 106 -2.00 -17.58 13.76
N ASP A 107 -1.41 -17.12 12.65
CA ASP A 107 -0.78 -15.80 12.64
C ASP A 107 -1.81 -14.70 12.83
N ILE A 108 -3.03 -14.88 12.29
CA ILE A 108 -4.10 -13.93 12.53
C ILE A 108 -4.44 -13.89 14.01
N ARG A 109 -4.62 -15.08 14.60
CA ARG A 109 -4.92 -15.19 16.03
C ARG A 109 -3.88 -14.45 16.88
N ASP A 110 -2.59 -14.57 16.50
CA ASP A 110 -1.52 -13.90 17.25
C ASP A 110 -1.75 -12.39 17.33
N VAL A 111 -2.28 -11.80 16.26
CA VAL A 111 -2.53 -10.36 16.27
C VAL A 111 -3.54 -10.01 17.34
N PHE A 112 -4.60 -10.82 17.45
CA PHE A 112 -5.60 -10.58 18.49
C PHE A 112 -5.01 -10.78 19.87
N ILE A 113 -4.19 -11.83 20.04
CA ILE A 113 -3.58 -12.06 21.36
C ILE A 113 -2.71 -10.87 21.75
N ASN A 114 -1.89 -10.40 20.81
CA ASN A 114 -1.02 -9.27 21.11
C ASN A 114 -1.82 -8.01 21.44
N ALA A 115 -2.98 -7.86 20.81
CA ALA A 115 -3.85 -6.72 21.08
C ALA A 115 -4.61 -6.84 22.39
N GLY A 116 -4.44 -7.93 23.14
CA GLY A 116 -5.05 -8.06 24.45
C GLY A 116 -6.29 -8.92 24.53
N ILE A 117 -6.72 -9.54 23.43
CA ILE A 117 -7.83 -10.48 23.49
C ILE A 117 -7.30 -11.81 24.03
N LYS A 118 -7.95 -12.34 25.07
CA LYS A 118 -7.50 -13.59 25.67
C LYS A 118 -7.67 -14.73 24.69
N GLY A 119 -6.73 -15.68 24.71
CA GLY A 119 -6.76 -16.77 23.75
C GLY A 119 -8.05 -17.57 23.80
N GLU A 120 -8.50 -17.91 25.02
CA GLU A 120 -9.75 -18.67 25.13
C GLU A 120 -10.93 -17.87 24.60
N GLU A 121 -10.88 -16.55 24.76
CA GLU A 121 -11.96 -15.70 24.26
C GLU A 121 -11.95 -15.61 22.74
N TYR A 122 -10.77 -15.45 22.14
CA TYR A 122 -10.68 -15.48 20.69
C TYR A 122 -11.17 -16.82 20.14
N ASP A 123 -10.71 -17.93 20.74
CA ASP A 123 -11.06 -19.24 20.22
C ASP A 123 -12.55 -19.51 20.36
N ALA A 124 -13.14 -19.10 21.48
CA ALA A 124 -14.58 -19.27 21.66
C ALA A 124 -15.34 -18.50 20.59
N ALA A 125 -14.95 -17.25 20.35
CA ALA A 125 -15.59 -16.44 19.31
C ALA A 125 -15.36 -17.05 17.93
N TRP A 126 -14.12 -17.41 17.62
CA TRP A 126 -13.82 -17.96 16.30
C TRP A 126 -14.74 -19.13 15.94
N ASN A 127 -15.08 -19.96 16.92
CA ASN A 127 -15.86 -21.17 16.70
C ASN A 127 -17.34 -20.98 16.96
N SER A 128 -17.79 -19.73 17.18
CA SER A 128 -19.14 -19.49 17.63
C SER A 128 -20.09 -19.33 16.44
N PHE A 129 -21.35 -19.67 16.66
CA PHE A 129 -22.35 -19.43 15.62
C PHE A 129 -22.72 -17.96 15.49
N VAL A 130 -22.55 -17.16 16.55
CA VAL A 130 -22.66 -15.72 16.38
C VAL A 130 -21.68 -15.22 15.30
N VAL A 131 -20.44 -15.73 15.33
CA VAL A 131 -19.46 -15.33 14.34
C VAL A 131 -19.81 -15.93 12.97
N LYS A 132 -20.27 -17.19 12.95
CA LYS A 132 -20.73 -17.77 11.68
C LYS A 132 -21.83 -16.92 11.04
N SER A 133 -22.73 -16.38 11.86
CA SER A 133 -23.79 -15.51 11.33
C SER A 133 -23.21 -14.22 10.78
N LEU A 134 -22.20 -13.67 11.43
CA LEU A 134 -21.56 -12.45 10.93
C LEU A 134 -20.82 -12.73 9.62
N VAL A 135 -20.21 -13.91 9.48
CA VAL A 135 -19.58 -14.26 8.20
C VAL A 135 -20.64 -14.31 7.11
N ALA A 136 -21.77 -14.94 7.39
CA ALA A 136 -22.89 -15.02 6.44
C ALA A 136 -23.40 -13.61 6.07
N GLN A 137 -23.51 -12.72 7.06
CA GLN A 137 -23.96 -11.36 6.77
C GLN A 137 -22.99 -10.63 5.84
N GLN A 138 -21.68 -10.80 6.05
CA GLN A 138 -20.69 -10.14 5.20
C GLN A 138 -20.77 -10.67 3.77
N GLU A 139 -20.89 -11.99 3.63
CA GLU A 139 -20.98 -12.56 2.28
C GLU A 139 -22.26 -12.12 1.57
N LYS A 140 -23.39 -12.12 2.29
CA LYS A 140 -24.65 -11.74 1.66
C LYS A 140 -24.65 -10.28 1.23
N ALA A 141 -24.07 -9.40 2.04
CA ALA A 141 -24.05 -7.99 1.64
C ALA A 141 -23.25 -7.78 0.37
N ALA A 142 -22.11 -8.45 0.25
CA ALA A 142 -21.30 -8.34 -0.97
C ALA A 142 -22.01 -8.92 -2.16
N ALA A 143 -22.68 -10.06 -1.97
CA ALA A 143 -23.40 -10.70 -3.07
C ALA A 143 -24.56 -9.83 -3.56
N ASP A 144 -25.18 -9.09 -2.65
CA ASP A 144 -26.32 -8.25 -3.01
C ASP A 144 -25.93 -7.22 -4.06
N VAL A 145 -24.68 -6.76 -4.05
CA VAL A 145 -24.21 -5.76 -5.01
C VAL A 145 -23.27 -6.35 -6.05
N GLN A 146 -23.17 -7.68 -6.13
CA GLN A 146 -22.27 -8.38 -7.05
C GLN A 146 -20.87 -7.76 -7.01
N LEU A 147 -20.35 -7.61 -5.79
CA LEU A 147 -19.12 -6.87 -5.57
C LEU A 147 -17.91 -7.58 -6.18
N ARG A 148 -17.16 -6.85 -7.02
CA ARG A 148 -15.95 -7.39 -7.65
C ARG A 148 -14.69 -6.58 -7.36
N GLY A 149 -14.77 -5.53 -6.56
CA GLY A 149 -13.57 -4.78 -6.22
C GLY A 149 -13.72 -4.05 -4.91
N VAL A 150 -12.58 -3.79 -4.28
CA VAL A 150 -12.49 -3.01 -3.04
C VAL A 150 -11.36 -2.00 -3.21
N PRO A 151 -11.35 -0.91 -2.41
CA PRO A 151 -12.41 -0.53 -1.47
C PRO A 151 -13.68 -0.14 -2.19
N ALA A 152 -14.79 -0.22 -1.47
CA ALA A 152 -16.07 0.17 -2.04
C ALA A 152 -16.92 0.75 -0.93
N MET A 153 -17.72 1.77 -1.25
CA MET A 153 -18.64 2.29 -0.27
C MET A 153 -19.99 2.50 -0.93
N PHE A 154 -21.04 2.10 -0.22
CA PHE A 154 -22.42 2.18 -0.70
C PHE A 154 -23.23 2.97 0.30
N VAL A 155 -24.13 3.80 -0.21
CA VAL A 155 -25.00 4.63 0.62
C VAL A 155 -26.45 4.21 0.34
N ASN A 156 -27.13 3.72 1.38
CA ASN A 156 -28.55 3.33 1.34
C ASN A 156 -28.86 2.30 0.26
N GLY A 157 -27.92 1.41 -0.05
CA GLY A 157 -28.15 0.37 -1.04
C GLY A 157 -28.46 0.89 -2.42
N LYS A 158 -28.26 2.19 -2.64
CA LYS A 158 -28.65 2.85 -3.88
C LYS A 158 -27.47 3.44 -4.63
N TYR A 159 -26.46 3.96 -3.92
CA TYR A 159 -25.39 4.72 -4.54
C TYR A 159 -24.04 4.14 -4.16
N GLN A 160 -23.14 4.09 -5.13
CA GLN A 160 -21.77 3.62 -4.93
C GLN A 160 -20.81 4.79 -5.15
N LEU A 161 -19.92 5.00 -4.19
CA LEU A 161 -18.94 6.07 -4.32
C LEU A 161 -18.01 5.78 -5.48
N ASN A 162 -17.64 6.85 -6.22
CA ASN A 162 -16.69 6.75 -7.33
C ASN A 162 -15.53 7.71 -7.10
N PRO A 163 -14.50 7.29 -6.36
CA PRO A 163 -13.35 8.17 -6.10
C PRO A 163 -12.47 8.44 -7.31
N GLN A 164 -12.58 7.64 -8.38
CA GLN A 164 -11.64 7.74 -9.50
C GLN A 164 -11.61 9.13 -10.14
N GLY A 165 -12.70 9.88 -10.05
CA GLY A 165 -12.63 11.20 -10.64
C GLY A 165 -12.09 12.31 -9.78
N MET A 166 -11.68 12.03 -8.54
CA MET A 166 -11.33 13.08 -7.60
C MET A 166 -9.83 13.40 -7.62
N ASP A 167 -9.52 14.65 -7.25
CA ASP A 167 -8.13 15.14 -7.22
C ASP A 167 -7.39 14.53 -6.03
N THR A 168 -6.25 13.89 -6.31
CA THR A 168 -5.45 13.22 -5.29
C THR A 168 -4.11 13.88 -5.06
N SER A 169 -3.95 15.14 -5.48
CA SER A 169 -2.69 15.85 -5.25
C SER A 169 -2.52 16.21 -3.78
N ASN A 170 -3.63 16.41 -3.08
CA ASN A 170 -3.68 16.75 -1.66
C ASN A 170 -4.54 15.72 -0.98
N MET A 171 -3.99 15.02 0.01
CA MET A 171 -4.80 13.96 0.57
C MET A 171 -5.96 14.46 1.39
N ASP A 172 -5.76 15.56 2.10
CA ASP A 172 -6.83 16.08 2.96
C ASP A 172 -7.98 16.58 2.11
N VAL A 173 -7.68 17.16 0.96
CA VAL A 173 -8.78 17.60 0.10
C VAL A 173 -9.54 16.41 -0.46
N PHE A 174 -8.83 15.34 -0.84
CA PHE A 174 -9.52 14.17 -1.36
C PHE A 174 -10.47 13.57 -0.30
N VAL A 175 -9.98 13.42 0.92
CA VAL A 175 -10.79 12.84 2.00
C VAL A 175 -12.03 13.69 2.24
N GLN A 176 -11.86 15.02 2.20
CA GLN A 176 -12.98 15.93 2.43
C GLN A 176 -14.01 15.82 1.31
N GLN A 177 -13.55 15.70 0.06
CA GLN A 177 -14.50 15.52 -1.04
C GLN A 177 -15.24 14.21 -0.90
N TYR A 178 -14.53 13.15 -0.50
CA TYR A 178 -15.16 11.85 -0.31
C TYR A 178 -16.23 11.92 0.77
N ALA A 179 -15.89 12.49 1.93
CA ALA A 179 -16.84 12.54 3.04
C ALA A 179 -18.03 13.43 2.72
N ASP A 180 -17.79 14.58 2.08
CA ASP A 180 -18.88 15.47 1.70
C ASP A 180 -19.78 14.80 0.68
N THR A 181 -19.22 13.96 -0.21
CA THR A 181 -20.05 13.22 -1.16
C THR A 181 -20.93 12.21 -0.43
N VAL A 182 -20.36 11.48 0.52
CA VAL A 182 -21.17 10.55 1.32
C VAL A 182 -22.27 11.30 2.05
N LYS A 183 -21.95 12.46 2.60
CA LYS A 183 -22.98 13.24 3.29
C LYS A 183 -24.09 13.63 2.33
N TYR A 184 -23.73 14.15 1.15
CA TYR A 184 -24.73 14.52 0.16
C TYR A 184 -25.61 13.32 -0.19
N LEU A 185 -24.99 12.16 -0.45
CA LEU A 185 -25.77 11.00 -0.84
C LEU A 185 -26.68 10.53 0.27
N SER A 186 -26.21 10.61 1.53
CA SER A 186 -27.04 10.19 2.66
C SER A 186 -28.26 11.09 2.82
N GLU A 187 -28.20 12.34 2.34
CA GLU A 187 -29.28 13.31 2.46
C GLU A 187 -30.26 13.25 1.30
N LYS A 188 -30.00 12.42 0.31
CA LYS A 188 -30.86 12.32 -0.87
C LYS A 188 -32.19 11.67 -0.52
N ALA B 1 22.95 -25.85 -10.15
CA ALA B 1 23.34 -24.51 -9.67
C ALA B 1 22.65 -24.10 -8.37
N GLN B 2 23.24 -23.14 -7.65
CA GLN B 2 22.59 -22.71 -6.42
C GLN B 2 21.27 -22.01 -6.68
N TYR B 3 21.23 -21.17 -7.71
CA TYR B 3 20.06 -20.37 -8.07
C TYR B 3 19.46 -20.88 -9.36
N GLU B 4 18.12 -20.93 -9.39
CA GLU B 4 17.37 -21.57 -10.45
C GLU B 4 16.39 -20.56 -11.07
N ASP B 5 16.42 -20.45 -12.39
CA ASP B 5 15.49 -19.58 -13.11
C ASP B 5 14.06 -20.05 -12.83
N GLY B 6 13.22 -19.12 -12.38
CA GLY B 6 11.89 -19.46 -11.94
C GLY B 6 11.74 -19.62 -10.44
N LYS B 7 12.85 -19.73 -9.71
CA LYS B 7 12.77 -19.90 -8.26
C LYS B 7 13.13 -18.59 -7.58
N GLN B 8 14.43 -18.33 -7.36
N GLN B 8 14.43 -18.33 -7.39
CA GLN B 8 14.86 -17.09 -6.72
CA GLN B 8 14.86 -17.11 -6.72
C GLN B 8 14.83 -15.89 -7.64
C GLN B 8 14.90 -15.90 -7.65
N TYR B 9 14.74 -16.10 -8.95
CA TYR B 9 14.69 -14.99 -9.91
C TYR B 9 13.94 -15.45 -11.15
N THR B 10 13.53 -14.48 -11.97
CA THR B 10 12.98 -14.78 -13.29
C THR B 10 13.75 -14.01 -14.35
N THR B 11 13.59 -14.43 -15.60
CA THR B 11 14.29 -13.84 -16.74
C THR B 11 13.30 -13.11 -17.64
N LEU B 12 13.59 -11.82 -17.90
CA LEU B 12 12.71 -11.00 -18.73
C LEU B 12 12.68 -11.52 -20.16
N GLU B 13 11.48 -11.63 -20.74
CA GLU B 13 11.39 -12.06 -22.13
C GLU B 13 12.04 -11.05 -23.06
N LYS B 14 11.89 -9.75 -22.77
CA LYS B 14 12.44 -8.67 -23.59
C LYS B 14 13.46 -7.89 -22.77
N PRO B 15 14.72 -8.31 -22.77
CA PRO B 15 15.74 -7.63 -21.96
C PRO B 15 15.87 -6.15 -22.34
N VAL B 16 16.27 -5.36 -21.34
CA VAL B 16 16.40 -3.91 -21.47
C VAL B 16 17.86 -3.58 -21.71
N ALA B 17 18.16 -2.95 -22.85
CA ALA B 17 19.53 -2.58 -23.15
C ALA B 17 19.87 -1.27 -22.45
N GLY B 18 21.13 -1.17 -22.00
CA GLY B 18 21.56 0.02 -21.29
C GLY B 18 20.97 0.22 -19.93
N ALA B 19 20.42 -0.82 -19.32
CA ALA B 19 19.82 -0.66 -18.01
C ALA B 19 20.90 -0.58 -16.94
N PRO B 20 20.59 -0.01 -15.77
CA PRO B 20 21.57 -0.03 -14.67
C PRO B 20 21.90 -1.46 -14.27
N GLN B 21 23.12 -1.64 -13.74
CA GLN B 21 23.55 -2.98 -13.31
C GLN B 21 22.59 -3.57 -12.27
N VAL B 22 22.29 -2.83 -11.22
CA VAL B 22 21.38 -3.28 -10.17
C VAL B 22 20.38 -2.16 -9.93
N LEU B 23 19.11 -2.43 -10.23
CA LEU B 23 18.09 -1.38 -10.23
C LEU B 23 16.93 -1.79 -9.34
N GLU B 24 16.72 -1.03 -8.29
N GLU B 24 16.68 -1.01 -8.31
CA GLU B 24 15.60 -1.22 -7.37
CA GLU B 24 15.58 -1.29 -7.38
C GLU B 24 14.51 -0.22 -7.70
C GLU B 24 14.50 -0.21 -7.51
N PHE B 25 13.24 -0.64 -7.56
CA PHE B 25 12.10 0.25 -7.64
C PHE B 25 11.34 0.26 -6.30
N PHE B 26 10.82 1.43 -5.93
CA PHE B 26 10.06 1.52 -4.70
C PHE B 26 9.06 2.67 -4.80
N SER B 27 8.18 2.77 -3.80
CA SER B 27 7.32 3.92 -3.63
C SER B 27 7.24 4.29 -2.16
N PHE B 28 7.19 5.59 -1.87
CA PHE B 28 7.02 6.00 -0.48
C PHE B 28 5.64 5.67 0.06
N PHE B 29 4.69 5.31 -0.80
CA PHE B 29 3.38 4.82 -0.36
C PHE B 29 3.34 3.33 -0.09
N CYS B 30 4.42 2.62 -0.39
CA CYS B 30 4.42 1.17 -0.42
C CYS B 30 4.85 0.62 0.94
N PRO B 31 3.97 -0.07 1.67
CA PRO B 31 4.34 -0.50 3.03
C PRO B 31 5.46 -1.51 3.05
N HIS B 32 5.46 -2.50 2.14
CA HIS B 32 6.55 -3.46 2.17
C HIS B 32 7.86 -2.81 1.77
N CYS B 33 7.81 -1.74 0.96
CA CYS B 33 9.02 -0.98 0.64
C CYS B 33 9.57 -0.32 1.90
N TYR B 34 8.69 0.22 2.73
CA TYR B 34 9.10 0.75 4.03
C TYR B 34 9.77 -0.34 4.85
N GLN B 35 9.20 -1.55 4.86
CA GLN B 35 9.83 -2.67 5.56
C GLN B 35 11.21 -2.98 4.98
N PHE B 36 11.36 -2.97 3.65
CA PHE B 36 12.65 -3.21 3.03
C PHE B 36 13.70 -2.23 3.51
N GLU B 37 13.30 -0.97 3.70
CA GLU B 37 14.23 0.09 4.06
C GLU B 37 14.54 0.13 5.55
N GLU B 38 13.50 0.09 6.40
N GLU B 38 13.50 0.09 6.38
CA GLU B 38 13.68 0.39 7.81
CA GLU B 38 13.66 0.38 7.80
C GLU B 38 13.97 -0.84 8.66
C GLU B 38 14.03 -0.85 8.62
N VAL B 39 13.57 -2.04 8.23
CA VAL B 39 13.72 -3.26 9.02
C VAL B 39 14.68 -4.25 8.37
N LEU B 40 14.45 -4.57 7.10
CA LEU B 40 15.25 -5.63 6.48
C LEU B 40 16.57 -5.13 5.96
N HIS B 41 16.66 -3.83 5.65
CA HIS B 41 17.86 -3.24 5.06
C HIS B 41 18.31 -4.02 3.82
N ILE B 42 17.36 -4.25 2.90
CA ILE B 42 17.66 -5.03 1.69
C ILE B 42 18.81 -4.39 0.90
N SER B 43 18.72 -3.07 0.64
CA SER B 43 19.73 -2.42 -0.20
C SER B 43 21.12 -2.53 0.42
N ASP B 44 21.23 -2.25 1.74
CA ASP B 44 22.53 -2.33 2.40
C ASP B 44 23.10 -3.74 2.33
N ASN B 45 22.27 -4.75 2.53
CA ASN B 45 22.79 -6.11 2.54
C ASN B 45 23.16 -6.57 1.15
N VAL B 46 22.41 -6.13 0.14
CA VAL B 46 22.83 -6.39 -1.23
C VAL B 46 24.17 -5.73 -1.51
N LYS B 47 24.32 -4.46 -1.11
CA LYS B 47 25.56 -3.72 -1.35
C LYS B 47 26.77 -4.42 -0.73
N LYS B 48 26.63 -4.94 0.49
CA LYS B 48 27.76 -5.56 1.17
C LYS B 48 28.27 -6.79 0.43
N LYS B 49 27.47 -7.39 -0.43
CA LYS B 49 27.86 -8.59 -1.15
C LYS B 49 28.13 -8.38 -2.63
N LEU B 50 28.04 -7.16 -3.12
CA LEU B 50 28.15 -7.00 -4.56
C LEU B 50 29.63 -6.98 -4.96
N PRO B 51 29.95 -7.44 -6.16
CA PRO B 51 31.34 -7.44 -6.60
C PRO B 51 31.88 -6.03 -6.75
N GLU B 52 33.19 -5.97 -6.94
CA GLU B 52 33.86 -4.68 -7.09
C GLU B 52 33.38 -3.96 -8.34
N GLY B 53 33.07 -2.67 -8.19
CA GLY B 53 32.69 -1.84 -9.30
C GLY B 53 31.21 -1.74 -9.56
N VAL B 54 30.41 -2.68 -9.05
CA VAL B 54 28.99 -2.72 -9.38
C VAL B 54 28.24 -1.73 -8.50
N LYS B 55 27.56 -0.78 -9.14
CA LYS B 55 26.82 0.28 -8.47
C LYS B 55 25.35 -0.09 -8.35
N MET B 56 24.69 0.47 -7.35
CA MET B 56 23.26 0.25 -7.14
C MET B 56 22.50 1.51 -7.47
N THR B 57 21.36 1.32 -8.13
CA THR B 57 20.47 2.41 -8.50
C THR B 57 19.09 2.14 -7.93
N LYS B 58 18.42 3.21 -7.50
CA LYS B 58 17.11 3.09 -6.90
C LYS B 58 16.21 4.18 -7.46
N TYR B 59 15.06 3.78 -8.01
CA TYR B 59 14.11 4.69 -8.64
C TYR B 59 12.77 4.60 -7.94
N HIS B 60 12.06 5.73 -7.89
CA HIS B 60 10.72 5.81 -7.37
C HIS B 60 9.71 5.60 -8.50
N VAL B 61 8.50 5.15 -8.14
CA VAL B 61 7.43 4.85 -9.11
C VAL B 61 6.20 5.72 -8.83
N ASN B 62 5.39 5.87 -9.88
CA ASN B 62 4.28 6.82 -9.83
C ASN B 62 2.98 6.18 -9.36
N PHE B 63 2.84 4.86 -9.53
CA PHE B 63 1.53 4.22 -9.57
C PHE B 63 0.92 3.93 -8.20
N MET B 64 1.55 4.39 -7.12
CA MET B 64 0.92 4.40 -5.80
C MET B 64 0.78 5.84 -5.32
N GLY B 65 -0.38 6.16 -4.73
CA GLY B 65 -0.56 7.45 -4.11
C GLY B 65 -1.03 8.58 -5.01
N GLY B 66 -1.49 8.29 -6.23
CA GLY B 66 -2.09 9.29 -7.11
C GLY B 66 -1.13 10.40 -7.51
N ASP B 67 -1.66 11.63 -7.60
CA ASP B 67 -0.83 12.75 -8.04
C ASP B 67 0.27 13.07 -7.04
N LEU B 68 0.01 12.85 -5.74
CA LEU B 68 1.09 13.03 -4.79
C LEU B 68 2.20 12.02 -5.05
N GLY B 69 1.84 10.82 -5.52
CA GLY B 69 2.86 9.85 -5.90
C GLY B 69 3.80 10.39 -6.96
N LYS B 70 3.25 11.08 -7.96
CA LYS B 70 4.08 11.70 -8.99
C LYS B 70 4.99 12.76 -8.38
N ASP B 71 4.48 13.57 -7.45
CA ASP B 71 5.33 14.54 -6.77
C ASP B 71 6.47 13.86 -6.01
N LEU B 72 6.24 12.67 -5.45
CA LEU B 72 7.30 11.99 -4.73
C LEU B 72 8.36 11.45 -5.68
N THR B 73 7.98 11.08 -6.91
CA THR B 73 8.99 10.70 -7.89
C THR B 73 9.88 11.88 -8.24
N GLN B 74 9.28 13.07 -8.41
CA GLN B 74 10.10 14.27 -8.64
C GLN B 74 10.94 14.60 -7.41
N ALA B 75 10.38 14.43 -6.21
CA ALA B 75 11.18 14.68 -5.02
C ALA B 75 12.33 13.69 -4.91
N TRP B 76 12.10 12.43 -5.30
CA TRP B 76 13.20 11.46 -5.26
C TRP B 76 14.29 11.85 -6.23
N ALA B 77 13.90 12.39 -7.40
CA ALA B 77 14.88 12.92 -8.33
C ALA B 77 15.69 14.05 -7.69
N VAL B 78 15.02 14.93 -6.93
CA VAL B 78 15.74 15.98 -6.22
C VAL B 78 16.74 15.37 -5.22
N ALA B 79 16.30 14.34 -4.48
CA ALA B 79 17.17 13.67 -3.52
C ALA B 79 18.40 13.07 -4.20
N MET B 80 18.21 12.44 -5.36
CA MET B 80 19.33 11.89 -6.12
C MET B 80 20.25 13.01 -6.61
N ALA B 81 19.67 14.08 -7.15
CA ALA B 81 20.45 15.17 -7.69
C ALA B 81 21.31 15.85 -6.62
N LEU B 82 20.75 16.03 -5.41
CA LEU B 82 21.46 16.68 -4.31
C LEU B 82 22.30 15.70 -3.50
N GLY B 83 22.13 14.40 -3.72
CA GLY B 83 22.80 13.35 -2.96
C GLY B 83 22.41 13.28 -1.50
N VAL B 84 21.13 13.48 -1.18
CA VAL B 84 20.68 13.47 0.21
C VAL B 84 19.68 12.34 0.45
N GLU B 85 19.77 11.28 -0.34
CA GLU B 85 18.84 10.15 -0.17
C GLU B 85 18.78 9.68 1.28
N ASP B 86 19.96 9.50 1.90
CA ASP B 86 20.04 8.96 3.26
C ASP B 86 19.47 9.92 4.30
N LYS B 87 19.33 11.19 3.97
CA LYS B 87 18.75 12.15 4.91
C LYS B 87 17.23 12.23 4.82
N VAL B 88 16.62 11.88 3.68
CA VAL B 88 15.19 12.08 3.50
C VAL B 88 14.38 10.80 3.36
N THR B 89 15.00 9.63 3.15
CA THR B 89 14.23 8.43 2.84
C THR B 89 13.31 8.01 4.00
N VAL B 90 13.87 7.79 5.20
CA VAL B 90 13.02 7.40 6.33
C VAL B 90 12.05 8.51 6.67
N PRO B 91 12.44 9.78 6.75
CA PRO B 91 11.44 10.83 7.02
C PRO B 91 10.31 10.88 6.00
N LEU B 92 10.57 10.57 4.73
CA LEU B 92 9.48 10.56 3.75
C LEU B 92 8.57 9.35 3.97
N PHE B 93 9.14 8.17 4.20
CA PHE B 93 8.31 7.00 4.52
C PHE B 93 7.44 7.29 5.74
N GLU B 94 8.05 7.81 6.81
CA GLU B 94 7.31 8.02 8.06
C GLU B 94 6.21 9.04 7.87
N GLY B 95 6.53 10.14 7.20
CA GLY B 95 5.58 11.21 7.02
C GLY B 95 4.40 10.79 6.16
N VAL B 96 4.66 9.97 5.13
CA VAL B 96 3.57 9.51 4.29
C VAL B 96 2.74 8.46 5.03
N GLN B 97 3.40 7.46 5.62
CA GLN B 97 2.67 6.28 6.04
C GLN B 97 2.27 6.24 7.50
N LYS B 98 3.06 6.80 8.42
CA LYS B 98 2.77 6.58 9.84
C LYS B 98 2.28 7.79 10.60
N THR B 99 2.79 8.99 10.30
CA THR B 99 2.43 10.20 11.04
C THR B 99 1.47 11.10 10.28
N GLN B 100 1.21 10.83 9.00
CA GLN B 100 0.29 11.63 8.18
C GLN B 100 0.69 13.10 8.14
N THR B 101 1.99 13.38 8.10
CA THR B 101 2.45 14.76 7.95
C THR B 101 2.78 15.15 6.51
N ILE B 102 2.90 14.19 5.60
CA ILE B 102 3.14 14.49 4.20
C ILE B 102 1.83 14.29 3.46
N ARG B 103 1.18 15.41 3.08
CA ARG B 103 -0.13 15.35 2.42
C ARG B 103 -0.15 16.07 1.09
N SER B 104 0.89 16.83 0.75
CA SER B 104 0.95 17.59 -0.51
C SER B 104 2.41 17.86 -0.81
N ALA B 105 2.68 18.40 -2.00
CA ALA B 105 4.07 18.66 -2.38
C ALA B 105 4.79 19.59 -1.40
N SER B 106 4.09 20.58 -0.83
N SER B 106 4.09 20.58 -0.83
CA SER B 106 4.75 21.50 0.09
CA SER B 106 4.73 21.50 0.10
C SER B 106 5.27 20.76 1.33
C SER B 106 5.26 20.78 1.34
N ASP B 107 4.55 19.74 1.80
CA ASP B 107 5.03 18.99 2.96
C ASP B 107 6.30 18.21 2.63
N ILE B 108 6.43 17.76 1.37
CA ILE B 108 7.67 17.10 0.94
C ILE B 108 8.83 18.07 1.03
N ARG B 109 8.62 19.29 0.52
CA ARG B 109 9.64 20.34 0.58
C ARG B 109 10.10 20.57 2.01
N ASP B 110 9.16 20.58 2.98
CA ASP B 110 9.54 20.81 4.37
C ASP B 110 10.50 19.74 4.89
N VAL B 111 10.36 18.49 4.43
CA VAL B 111 11.26 17.43 4.87
C VAL B 111 12.70 17.76 4.46
N PHE B 112 12.89 18.21 3.23
CA PHE B 112 14.22 18.59 2.77
C PHE B 112 14.74 19.81 3.54
N ILE B 113 13.88 20.81 3.77
CA ILE B 113 14.32 22.01 4.50
C ILE B 113 14.71 21.63 5.93
N ASN B 114 13.93 20.77 6.58
N ASN B 114 13.89 20.78 6.57
CA ASN B 114 14.27 20.37 7.93
CA ASN B 114 14.18 20.29 7.92
C ASN B 114 15.47 19.44 8.00
C ASN B 114 15.52 19.56 7.96
N ALA B 115 15.89 18.89 6.87
CA ALA B 115 17.16 18.16 6.81
C ALA B 115 18.34 19.08 6.52
N GLY B 116 18.12 20.38 6.31
CA GLY B 116 19.21 21.32 6.11
C GLY B 116 19.41 21.80 4.68
N ILE B 117 18.57 21.39 3.74
CA ILE B 117 18.62 21.93 2.38
C ILE B 117 17.94 23.28 2.34
N LYS B 118 18.58 24.28 1.75
CA LYS B 118 17.95 25.60 1.65
C LYS B 118 16.74 25.56 0.72
N GLY B 119 15.68 26.27 1.10
CA GLY B 119 14.47 26.25 0.30
C GLY B 119 14.71 26.68 -1.14
N GLU B 120 15.47 27.76 -1.33
CA GLU B 120 15.72 28.20 -2.70
C GLU B 120 16.52 27.17 -3.47
N GLU B 121 17.36 26.37 -2.79
CA GLU B 121 18.12 25.33 -3.49
C GLU B 121 17.22 24.15 -3.85
N TYR B 122 16.34 23.75 -2.93
CA TYR B 122 15.35 22.72 -3.26
C TYR B 122 14.53 23.14 -4.46
N ASP B 123 14.07 24.39 -4.47
CA ASP B 123 13.22 24.85 -5.57
C ASP B 123 13.99 24.88 -6.89
N ALA B 124 15.24 25.35 -6.86
CA ALA B 124 16.07 25.34 -8.07
C ALA B 124 16.26 23.92 -8.58
N ALA B 125 16.56 22.98 -7.69
CA ALA B 125 16.68 21.59 -8.10
C ALA B 125 15.37 21.07 -8.69
N TRP B 126 14.26 21.33 -7.99
CA TRP B 126 12.95 20.86 -8.42
C TRP B 126 12.68 21.26 -9.86
N ASN B 127 13.07 22.46 -10.24
CA ASN B 127 12.77 22.99 -11.56
C ASN B 127 13.89 22.80 -12.57
N SER B 128 14.88 21.97 -12.25
CA SER B 128 16.11 21.89 -13.01
C SER B 128 15.96 20.92 -14.18
N PHE B 129 16.82 21.09 -15.18
CA PHE B 129 16.85 20.13 -16.28
C PHE B 129 17.35 18.76 -15.83
N VAL B 130 18.29 18.73 -14.88
CA VAL B 130 18.73 17.44 -14.36
C VAL B 130 17.56 16.67 -13.76
N VAL B 131 16.73 17.35 -12.97
CA VAL B 131 15.64 16.67 -12.30
C VAL B 131 14.55 16.30 -13.30
N LYS B 132 14.27 17.18 -14.27
CA LYS B 132 13.33 16.81 -15.32
C LYS B 132 13.80 15.55 -16.02
N SER B 133 15.10 15.45 -16.30
N SER B 133 15.09 15.44 -16.29
CA SER B 133 15.60 14.28 -17.01
CA SER B 133 15.60 14.27 -17.01
C SER B 133 15.50 13.04 -16.14
C SER B 133 15.50 13.03 -16.13
N LEU B 134 15.82 13.17 -14.83
CA LEU B 134 15.74 12.03 -13.92
C LEU B 134 14.31 11.52 -13.77
N VAL B 135 13.32 12.41 -13.79
CA VAL B 135 11.94 11.95 -13.74
C VAL B 135 11.62 11.11 -14.98
N ALA B 136 12.02 11.60 -16.15
CA ALA B 136 11.82 10.84 -17.37
C ALA B 136 12.55 9.49 -17.34
N GLN B 137 13.79 9.47 -16.82
CA GLN B 137 14.53 8.20 -16.74
C GLN B 137 13.85 7.19 -15.83
N GLN B 138 13.33 7.65 -14.69
CA GLN B 138 12.66 6.75 -13.76
C GLN B 138 11.39 6.17 -14.40
N GLU B 139 10.60 7.02 -15.07
CA GLU B 139 9.38 6.56 -15.72
C GLU B 139 9.69 5.60 -16.86
N LYS B 140 10.69 5.93 -17.68
CA LYS B 140 11.04 5.04 -18.79
C LYS B 140 11.54 3.70 -18.31
N ALA B 141 12.31 3.69 -17.21
CA ALA B 141 12.84 2.43 -16.69
C ALA B 141 11.72 1.51 -16.25
N ALA B 142 10.70 2.07 -15.58
CA ALA B 142 9.55 1.26 -15.18
C ALA B 142 8.79 0.72 -16.37
N ALA B 143 8.59 1.57 -17.40
CA ALA B 143 7.89 1.12 -18.59
C ALA B 143 8.67 0.05 -19.34
N ASP B 144 10.00 0.17 -19.34
CA ASP B 144 10.86 -0.78 -20.07
C ASP B 144 10.75 -2.21 -19.53
N VAL B 145 10.54 -2.36 -18.23
CA VAL B 145 10.40 -3.68 -17.63
C VAL B 145 8.94 -4.04 -17.36
N GLN B 146 8.01 -3.25 -17.90
CA GLN B 146 6.57 -3.45 -17.69
C GLN B 146 6.27 -3.70 -16.21
N LEU B 147 6.76 -2.77 -15.39
CA LEU B 147 6.66 -2.90 -13.95
C LEU B 147 5.21 -2.87 -13.49
N ARG B 148 4.82 -3.84 -12.67
CA ARG B 148 3.46 -3.88 -12.16
C ARG B 148 3.36 -3.76 -10.64
N GLY B 149 4.47 -3.71 -9.91
CA GLY B 149 4.41 -3.60 -8.46
C GLY B 149 5.77 -3.31 -7.88
N VAL B 150 5.76 -2.87 -6.63
CA VAL B 150 6.98 -2.66 -5.85
C VAL B 150 6.81 -3.33 -4.49
N PRO B 151 7.93 -3.62 -3.80
CA PRO B 151 9.31 -3.49 -4.25
C PRO B 151 9.65 -4.43 -5.39
N ALA B 152 10.68 -4.07 -6.16
CA ALA B 152 11.17 -4.87 -7.26
C ALA B 152 12.65 -4.57 -7.48
N MET B 153 13.39 -5.58 -7.96
CA MET B 153 14.78 -5.36 -8.31
C MET B 153 15.12 -6.09 -9.60
N PHE B 154 15.90 -5.43 -10.46
CA PHE B 154 16.31 -5.99 -11.74
C PHE B 154 17.82 -5.93 -11.86
N VAL B 155 18.42 -6.95 -12.45
CA VAL B 155 19.86 -7.00 -12.63
C VAL B 155 20.18 -6.96 -14.12
N ASN B 156 20.93 -5.94 -14.54
CA ASN B 156 21.40 -5.77 -15.92
C ASN B 156 20.28 -5.77 -16.94
N GLY B 157 19.11 -5.30 -16.52
CA GLY B 157 17.95 -5.27 -17.40
C GLY B 157 17.51 -6.64 -17.89
N LYS B 158 18.01 -7.71 -17.27
CA LYS B 158 17.75 -9.06 -17.74
C LYS B 158 17.01 -9.94 -16.73
N TYR B 159 17.28 -9.82 -15.43
CA TYR B 159 16.77 -10.74 -14.43
C TYR B 159 16.02 -9.99 -13.36
N GLN B 160 14.90 -10.54 -12.91
CA GLN B 160 14.06 -9.93 -11.87
C GLN B 160 14.11 -10.79 -10.62
N LEU B 161 14.40 -10.18 -9.48
CA LEU B 161 14.46 -10.92 -8.23
C LEU B 161 13.07 -11.44 -7.89
N ASN B 162 12.99 -12.67 -7.36
CA ASN B 162 11.71 -13.30 -7.02
C ASN B 162 11.72 -13.69 -5.55
N PRO B 163 11.47 -12.75 -4.64
CA PRO B 163 11.47 -13.10 -3.21
C PRO B 163 10.38 -14.08 -2.83
N GLN B 164 9.29 -14.14 -3.62
CA GLN B 164 8.24 -15.13 -3.37
C GLN B 164 8.78 -16.54 -3.52
N GLY B 165 9.84 -16.71 -4.31
CA GLY B 165 10.50 -17.98 -4.48
C GLY B 165 11.60 -18.27 -3.49
N MET B 166 11.89 -17.37 -2.59
CA MET B 166 12.91 -17.56 -1.57
C MET B 166 12.32 -18.00 -0.26
N ASP B 167 13.20 -18.48 0.61
CA ASP B 167 12.80 -18.98 1.91
C ASP B 167 12.56 -17.79 2.84
N THR B 168 11.32 -17.62 3.30
CA THR B 168 10.99 -16.50 4.17
C THR B 168 10.69 -16.95 5.59
N SER B 169 11.11 -18.16 5.96
CA SER B 169 10.86 -18.64 7.32
C SER B 169 11.71 -17.91 8.36
N ASN B 170 12.92 -17.49 7.97
CA ASN B 170 13.85 -16.75 8.82
C ASN B 170 14.23 -15.47 8.07
N MET B 171 13.92 -14.31 8.65
CA MET B 171 14.17 -13.07 7.93
C MET B 171 15.66 -12.82 7.70
N ASP B 172 16.52 -13.16 8.67
CA ASP B 172 17.94 -12.89 8.45
C ASP B 172 18.49 -13.78 7.33
N VAL B 173 18.04 -15.03 7.27
CA VAL B 173 18.47 -15.92 6.20
C VAL B 173 17.89 -15.47 4.87
N PHE B 174 16.64 -15.00 4.88
CA PHE B 174 16.01 -14.47 3.68
C PHE B 174 16.81 -13.29 3.13
N VAL B 175 17.20 -12.36 4.02
CA VAL B 175 17.91 -11.17 3.54
C VAL B 175 19.23 -11.56 2.87
N GLN B 176 19.97 -12.51 3.46
CA GLN B 176 21.22 -12.93 2.81
C GLN B 176 20.95 -13.72 1.53
N GLN B 177 19.86 -14.52 1.48
CA GLN B 177 19.54 -15.23 0.24
C GLN B 177 19.24 -14.24 -0.87
N TYR B 178 18.51 -13.18 -0.55
CA TYR B 178 18.23 -12.13 -1.53
C TYR B 178 19.54 -11.50 -2.02
N ALA B 179 20.41 -11.12 -1.08
CA ALA B 179 21.67 -10.49 -1.44
C ALA B 179 22.57 -11.42 -2.25
N ASP B 180 22.64 -12.70 -1.87
CA ASP B 180 23.45 -13.67 -2.60
C ASP B 180 22.90 -13.93 -4.00
N THR B 181 21.56 -13.87 -4.17
CA THR B 181 20.98 -14.02 -5.50
C THR B 181 21.38 -12.86 -6.40
N VAL B 182 21.34 -11.63 -5.88
CA VAL B 182 21.79 -10.48 -6.65
C VAL B 182 23.25 -10.62 -7.05
N LYS B 183 24.09 -11.09 -6.13
CA LYS B 183 25.52 -11.27 -6.43
C LYS B 183 25.70 -12.24 -7.58
N TYR B 184 25.02 -13.38 -7.52
CA TYR B 184 25.06 -14.35 -8.61
C TYR B 184 24.61 -13.73 -9.93
N LEU B 185 23.49 -13.01 -9.93
CA LEU B 185 22.96 -12.47 -11.17
C LEU B 185 23.87 -11.40 -11.76
N SER B 186 24.55 -10.61 -10.92
CA SER B 186 25.43 -9.58 -11.46
C SER B 186 26.62 -10.19 -12.21
N GLU B 187 27.02 -11.40 -11.84
CA GLU B 187 28.14 -12.09 -12.47
C GLU B 187 27.71 -12.97 -13.63
N LYS B 188 26.40 -13.10 -13.87
CA LYS B 188 25.85 -13.99 -14.86
C LYS B 188 26.09 -13.49 -16.28
C1 Q2I C . -6.72 -22.21 17.37
C2 Q2I C . -6.75 -22.81 18.62
C3 Q2I C . -5.45 -22.77 19.08
C4 Q2I C . -4.84 -23.28 20.34
N Q2I C . -4.73 -22.14 18.10
C Q2I C . -3.30 -21.81 18.06
N1 Q2I C . -5.50 -21.79 17.04
N2 Q2I C . -5.35 -22.47 21.45
CU CU D . 21.32 -26.42 -8.93
C1 Q2I E . 17.31 -27.71 -10.91
C2 Q2I E . 17.49 -27.50 -9.55
C3 Q2I E . 18.30 -26.39 -9.46
C4 Q2I E . 18.82 -25.68 -8.25
N Q2I E . 18.57 -26.00 -10.75
C Q2I E . 19.38 -24.89 -11.22
N1 Q2I E . 17.96 -26.80 -11.66
N2 Q2I E . 19.65 -26.61 -7.48
C1 Q2I F . 2.78 -6.60 -7.68
C1 Q2I F . 6.63 -6.76 -7.10
C2 Q2I F . 3.66 -6.90 -8.72
C2 Q2I F . 5.93 -7.13 -8.24
C3 Q2I F . 4.89 -7.03 -8.12
C3 Q2I F . 4.60 -7.01 -7.91
C4 Q2I F . 6.23 -7.38 -8.71
C4 Q2I F . 3.37 -7.24 -8.73
N Q2I F . 4.69 -6.80 -6.78
N Q2I F . 4.58 -6.58 -6.61
C Q2I F . 5.66 -6.80 -5.69
C Q2I F . 3.42 -6.28 -5.76
N1 Q2I F . 3.39 -6.53 -6.49
N1 Q2I F . 5.83 -6.43 -6.09
N2 Q2I F . 6.98 -6.24 -9.30
N2 Q2I F . 3.11 -8.68 -8.79
#